data_9RZF
#
_entry.id   9RZF
#
_cell.length_a   1.00
_cell.length_b   1.00
_cell.length_c   1.00
_cell.angle_alpha   90.00
_cell.angle_beta   90.00
_cell.angle_gamma   90.00
#
_symmetry.space_group_name_H-M   'P 1'
#
_entity_poly.entity_id   1
_entity_poly.type   'polypeptide(L)'
_entity_poly.pdbx_seq_one_letter_code
;VLYVGSKTKEGVVHGVTTVAEKTKEQVTNVGGAVVTGVTAVAQKTVEGAGSIAAATGFVKK
;
_entity_poly.pdbx_strand_id   A,B,C,D,E,F
#
# COMPACT_ATOMS: atom_id res chain seq x y z
N VAL A 1 -26.26 22.71 20.48
CA VAL A 1 -25.17 22.47 19.55
C VAL A 1 -25.27 23.49 18.43
N LEU A 2 -24.24 24.32 18.27
CA LEU A 2 -24.21 25.37 17.26
C LEU A 2 -22.89 25.29 16.49
N TYR A 3 -22.97 25.29 15.16
CA TYR A 3 -21.78 25.38 14.30
C TYR A 3 -22.05 26.44 13.25
N VAL A 4 -21.12 27.39 13.10
CA VAL A 4 -21.13 28.33 11.99
C VAL A 4 -19.78 28.25 11.30
N GLY A 5 -19.80 28.10 9.97
CA GLY A 5 -18.59 28.21 9.15
C GLY A 5 -17.45 27.30 9.51
N SER A 6 -17.72 26.11 10.03
CA SER A 6 -16.68 25.21 10.53
C SER A 6 -16.54 24.00 9.62
N LYS A 7 -15.31 23.51 9.46
CA LYS A 7 -15.03 22.32 8.67
C LYS A 7 -14.39 21.28 9.59
N THR A 8 -15.07 21.02 10.72
CA THR A 8 -14.62 19.99 11.64
C THR A 8 -14.93 18.61 11.06
N LYS A 9 -14.30 17.59 11.63
CA LYS A 9 -14.63 16.21 11.32
C LYS A 9 -14.49 15.39 12.59
N GLU A 10 -15.40 14.43 12.75
CA GLU A 10 -15.63 13.78 14.04
C GLU A 10 -15.90 12.30 13.81
N GLY A 11 -15.11 11.44 14.48
CA GLY A 11 -15.32 10.01 14.40
C GLY A 11 -15.11 9.40 13.03
N VAL A 12 -14.02 9.75 12.36
CA VAL A 12 -13.72 9.23 11.03
C VAL A 12 -12.54 8.26 11.14
N VAL A 13 -12.54 7.28 10.25
CA VAL A 13 -11.40 6.40 10.02
C VAL A 13 -11.15 6.36 8.52
N HIS A 14 -9.96 6.80 8.10
CA HIS A 14 -9.67 6.75 6.67
C HIS A 14 -8.19 6.50 6.45
N GLY A 15 -7.88 5.98 5.27
CA GLY A 15 -6.49 5.71 4.92
C GLY A 15 -5.85 4.59 5.70
N VAL A 16 -6.58 3.51 5.95
CA VAL A 16 -6.01 2.28 6.48
C VAL A 16 -5.69 1.36 5.32
N THR A 17 -4.42 0.95 5.22
CA THR A 17 -3.96 0.21 4.07
C THR A 17 -2.98 -0.88 4.49
N THR A 18 -3.11 -2.05 3.89
CA THR A 18 -2.19 -3.15 4.07
C THR A 18 -1.75 -3.65 2.71
N VAL A 19 -0.44 -3.84 2.54
CA VAL A 19 0.12 -4.32 1.29
C VAL A 19 0.90 -5.59 1.59
N ALA A 20 0.63 -6.65 0.84
CA ALA A 20 1.36 -7.90 0.93
C ALA A 20 1.36 -8.55 -0.44
N GLU A 21 2.08 -9.65 -0.56
CA GLU A 21 2.01 -10.48 -1.76
C GLU A 21 1.78 -11.94 -1.48
N LYS A 22 2.01 -12.40 -0.25
CA LYS A 22 1.81 -13.79 0.14
C LYS A 22 1.27 -13.82 1.55
N THR A 23 0.06 -14.36 1.72
CA THR A 23 -0.54 -14.56 3.04
C THR A 23 -1.12 -15.95 3.13
N LYS A 24 -0.90 -16.61 4.26
CA LYS A 24 -1.53 -17.89 4.56
C LYS A 24 -2.01 -17.83 6.01
N GLU A 25 -3.24 -18.29 6.24
CA GLU A 25 -3.88 -18.18 7.54
C GLU A 25 -4.59 -19.48 7.89
N GLN A 26 -4.22 -20.08 9.01
CA GLN A 26 -4.86 -21.28 9.52
C GLN A 26 -5.31 -21.02 10.96
N VAL A 27 -6.60 -21.20 11.21
CA VAL A 27 -7.17 -21.04 12.55
C VAL A 27 -7.93 -22.30 12.89
N THR A 28 -7.84 -22.72 14.15
CA THR A 28 -8.58 -23.87 14.65
C THR A 28 -9.31 -23.50 15.94
N ASN A 29 -10.04 -22.39 15.90
CA ASN A 29 -10.82 -21.95 17.05
C ASN A 29 -11.91 -22.96 17.37
N VAL A 30 -12.12 -23.22 18.66
CA VAL A 30 -13.14 -24.16 19.11
C VAL A 30 -14.23 -23.49 19.93
N GLY A 31 -13.88 -22.52 20.79
CA GLY A 31 -14.87 -22.02 21.72
C GLY A 31 -14.88 -20.53 21.98
N GLY A 32 -14.01 -19.79 21.30
CA GLY A 32 -13.92 -18.36 21.56
C GLY A 32 -14.08 -17.51 20.32
N ALA A 33 -13.19 -16.54 20.14
CA ALA A 33 -13.23 -15.66 18.99
C ALA A 33 -11.82 -15.46 18.47
N VAL A 34 -11.65 -15.62 17.16
CA VAL A 34 -10.39 -15.35 16.48
C VAL A 34 -10.69 -14.41 15.32
N VAL A 35 -10.37 -13.14 15.48
CA VAL A 35 -10.54 -12.13 14.44
C VAL A 35 -9.16 -11.83 13.88
N THR A 36 -9.01 -11.95 12.56
CA THR A 36 -7.75 -11.64 11.91
C THR A 36 -8.03 -10.91 10.61
N GLY A 37 -7.22 -9.90 10.31
CA GLY A 37 -7.41 -9.13 9.10
C GLY A 37 -7.50 -7.65 9.35
N VAL A 38 -8.36 -6.97 8.61
CA VAL A 38 -8.56 -5.53 8.74
C VAL A 38 -10.03 -5.24 9.04
N THR A 39 -10.26 -4.50 10.12
CA THR A 39 -11.59 -4.05 10.50
C THR A 39 -11.51 -2.57 10.85
N ALA A 40 -12.52 -1.83 10.42
CA ALA A 40 -12.55 -0.38 10.63
C ALA A 40 -13.89 -0.03 11.26
N VAL A 41 -13.84 0.41 12.51
CA VAL A 41 -15.03 0.72 13.30
C VAL A 41 -14.94 2.18 13.72
N ALA A 42 -16.01 2.94 13.47
CA ALA A 42 -16.01 4.37 13.79
C ALA A 42 -17.41 4.80 14.20
N GLN A 43 -17.52 5.43 15.36
CA GLN A 43 -18.79 5.97 15.83
C GLN A 43 -18.64 7.44 16.19
N LYS A 44 -19.77 8.05 16.52
CA LYS A 44 -19.82 9.37 17.14
C LYS A 44 -20.38 9.32 18.56
N THR A 45 -21.46 8.58 18.78
CA THR A 45 -22.17 8.66 20.05
C THR A 45 -22.78 7.31 20.38
N VAL A 46 -22.52 6.82 21.59
CA VAL A 46 -23.13 5.59 22.10
C VAL A 46 -23.65 5.84 23.51
N GLU A 47 -24.85 5.34 23.79
CA GLU A 47 -25.45 5.39 25.11
C GLU A 47 -25.69 3.97 25.62
N GLY A 48 -25.52 3.78 26.91
CA GLY A 48 -25.83 2.51 27.53
C GLY A 48 -25.49 2.52 29.01
N ALA A 49 -25.69 1.35 29.61
CA ALA A 49 -25.27 1.09 30.99
C ALA A 49 -24.29 -0.06 31.07
N GLY A 50 -24.60 -1.18 30.42
CA GLY A 50 -23.65 -2.27 30.30
C GLY A 50 -23.30 -2.50 28.84
N SER A 51 -23.31 -1.42 28.07
CA SER A 51 -23.14 -1.51 26.63
C SER A 51 -21.69 -1.79 26.27
N ILE A 52 -21.49 -2.35 25.08
CA ILE A 52 -20.18 -2.52 24.48
C ILE A 52 -20.21 -1.82 23.13
N ALA A 53 -19.29 -0.90 22.90
CA ALA A 53 -19.33 -0.07 21.71
C ALA A 53 -18.64 -0.73 20.52
N ALA A 54 -17.36 -1.06 20.66
CA ALA A 54 -16.57 -1.63 19.56
C ALA A 54 -15.89 -2.90 20.08
N ALA A 55 -16.54 -4.04 19.85
CA ALA A 55 -16.02 -5.33 20.27
C ALA A 55 -15.40 -6.04 19.09
N THR A 56 -14.15 -6.44 19.23
CA THR A 56 -13.44 -7.19 18.19
C THR A 56 -12.69 -8.32 18.86
N GLY A 57 -13.03 -9.56 18.50
CA GLY A 57 -12.50 -10.70 19.21
C GLY A 57 -13.01 -10.79 20.64
N PHE A 58 -14.29 -10.55 20.85
CA PHE A 58 -14.89 -10.51 22.18
C PHE A 58 -15.57 -11.82 22.50
N VAL A 59 -15.31 -12.32 23.70
CA VAL A 59 -16.03 -13.46 24.28
C VAL A 59 -16.43 -13.08 25.71
N LYS A 60 -17.68 -13.32 26.04
CA LYS A 60 -18.16 -13.04 27.38
C LYS A 60 -18.99 -14.22 27.87
N LYS A 61 -18.81 -14.57 29.14
CA LYS A 61 -19.49 -15.71 29.74
C LYS A 61 -20.38 -15.34 30.91
N VAL B 1 24.20 -22.40 -21.76
CA VAL B 1 23.37 -22.25 -20.56
C VAL B 1 22.66 -23.58 -20.33
N LEU B 2 22.90 -24.19 -19.18
CA LEU B 2 22.57 -25.60 -18.96
C LEU B 2 21.92 -25.84 -17.59
N TYR B 3 20.89 -25.06 -17.27
CA TYR B 3 20.11 -25.32 -16.05
C TYR B 3 19.53 -26.73 -16.07
N VAL B 4 19.74 -27.46 -14.98
CA VAL B 4 19.27 -28.85 -14.88
C VAL B 4 18.39 -28.96 -13.64
N GLY B 5 17.71 -27.86 -13.31
CA GLY B 5 16.68 -27.86 -12.27
C GLY B 5 17.01 -27.01 -11.06
N SER B 6 16.51 -25.77 -11.04
CA SER B 6 16.80 -24.81 -9.99
C SER B 6 15.79 -23.67 -10.04
N LYS B 7 15.44 -23.14 -8.86
CA LYS B 7 14.54 -22.01 -8.76
C LYS B 7 15.38 -20.74 -8.73
N THR B 8 15.35 -19.98 -9.83
CA THR B 8 16.15 -18.76 -9.95
C THR B 8 15.28 -17.61 -10.42
N LYS B 9 15.75 -16.39 -10.13
CA LYS B 9 15.26 -15.19 -10.79
C LYS B 9 16.45 -14.44 -11.35
N GLU B 10 16.28 -13.87 -12.54
CA GLU B 10 17.36 -13.22 -13.28
C GLU B 10 16.85 -11.88 -13.77
N GLY B 11 17.05 -10.83 -12.96
CA GLY B 11 16.67 -9.49 -13.35
C GLY B 11 15.19 -9.20 -13.22
N VAL B 12 14.66 -9.20 -11.99
CA VAL B 12 13.25 -8.92 -11.77
C VAL B 12 13.13 -7.78 -10.77
N VAL B 13 11.99 -7.11 -10.80
CA VAL B 13 11.66 -6.03 -9.88
C VAL B 13 10.28 -6.35 -9.34
N HIS B 14 10.19 -6.64 -8.04
CA HIS B 14 8.89 -6.97 -7.48
C HIS B 14 8.74 -6.34 -6.11
N GLY B 15 7.49 -6.03 -5.75
CA GLY B 15 7.21 -5.46 -4.46
C GLY B 15 7.70 -4.05 -4.22
N VAL B 16 7.58 -3.18 -5.21
CA VAL B 16 7.76 -1.75 -5.00
C VAL B 16 6.38 -1.14 -4.71
N THR B 17 6.31 -0.34 -3.65
CA THR B 17 5.04 0.21 -3.21
C THR B 17 5.25 1.59 -2.59
N THR B 18 4.27 2.45 -2.78
CA THR B 18 4.29 3.80 -2.26
C THR B 18 2.95 4.07 -1.58
N VAL B 19 3.00 4.56 -0.35
CA VAL B 19 1.81 4.89 0.42
C VAL B 19 1.81 6.38 0.71
N ALA B 20 0.71 7.04 0.37
CA ALA B 20 0.50 8.44 0.73
C ALA B 20 -1.00 8.70 0.65
N GLU B 21 -1.40 9.90 1.05
CA GLU B 21 -2.75 10.34 0.76
C GLU B 21 -2.85 11.75 0.19
N LYS B 22 -1.83 12.59 0.34
CA LYS B 22 -1.79 13.92 -0.26
C LYS B 22 -0.54 14.04 -1.10
N THR B 23 -0.71 14.39 -2.37
CA THR B 23 0.41 14.51 -3.29
C THR B 23 0.07 15.54 -4.37
N LYS B 24 0.92 16.56 -4.51
CA LYS B 24 0.77 17.56 -5.55
C LYS B 24 2.07 17.68 -6.33
N GLU B 25 1.95 17.72 -7.65
CA GLU B 25 3.08 17.84 -8.56
C GLU B 25 2.93 19.13 -9.36
N GLN B 26 4.01 19.90 -9.45
CA GLN B 26 4.06 21.09 -10.28
C GLN B 26 5.38 21.07 -11.04
N VAL B 27 5.31 20.84 -12.35
CA VAL B 27 6.49 20.85 -13.20
C VAL B 27 6.27 21.82 -14.35
N THR B 28 7.30 22.59 -14.68
CA THR B 28 7.27 23.59 -15.74
C THR B 28 8.46 23.41 -16.66
N ASN B 29 8.64 22.18 -17.16
CA ASN B 29 9.77 21.85 -17.99
C ASN B 29 9.79 22.66 -19.28
N VAL B 30 10.99 23.05 -19.72
CA VAL B 30 11.16 23.92 -20.86
C VAL B 30 11.90 23.24 -22.00
N GLY B 31 12.96 22.50 -21.71
CA GLY B 31 13.68 21.83 -22.77
C GLY B 31 14.33 20.50 -22.43
N GLY B 32 14.05 19.98 -21.23
CA GLY B 32 14.75 18.78 -20.78
C GLY B 32 13.87 17.59 -20.49
N ALA B 33 14.17 16.89 -19.40
CA ALA B 33 13.43 15.69 -19.02
C ALA B 33 13.17 15.73 -17.52
N VAL B 34 11.93 15.45 -17.13
CA VAL B 34 11.54 15.41 -15.72
C VAL B 34 10.73 14.15 -15.49
N VAL B 35 11.11 13.37 -14.48
CA VAL B 35 10.36 12.19 -14.05
C VAL B 35 10.06 12.35 -12.58
N THR B 36 8.76 12.24 -12.22
CA THR B 36 8.33 12.47 -10.85
C THR B 36 7.49 11.33 -10.28
N GLY B 37 7.56 10.14 -10.87
CA GLY B 37 6.69 9.08 -10.43
C GLY B 37 7.41 7.80 -10.06
N VAL B 38 6.73 6.67 -10.22
CA VAL B 38 7.29 5.36 -9.94
C VAL B 38 7.48 4.59 -11.24
N THR B 39 8.69 4.09 -11.46
CA THR B 39 9.05 3.34 -12.66
C THR B 39 9.78 2.07 -12.26
N ALA B 40 9.43 0.97 -12.90
CA ALA B 40 10.04 -0.33 -12.62
C ALA B 40 10.64 -0.86 -13.92
N VAL B 41 11.95 -1.02 -13.95
CA VAL B 41 12.69 -1.39 -15.15
C VAL B 41 13.49 -2.64 -14.84
N ALA B 42 13.46 -3.61 -15.75
CA ALA B 42 14.19 -4.86 -15.54
C ALA B 42 14.42 -5.56 -16.88
N GLN B 43 15.67 -5.92 -17.15
CA GLN B 43 16.02 -6.71 -18.33
C GLN B 43 16.94 -7.85 -17.93
N LYS B 44 17.34 -8.64 -18.93
CA LYS B 44 18.31 -9.70 -18.77
C LYS B 44 19.57 -9.47 -19.57
N THR B 45 19.46 -9.19 -20.87
CA THR B 45 20.63 -8.90 -21.70
C THR B 45 20.37 -7.68 -22.57
N VAL B 46 21.43 -6.92 -22.83
CA VAL B 46 21.45 -5.92 -23.88
C VAL B 46 22.68 -6.15 -24.73
N GLU B 47 22.65 -5.64 -25.95
CA GLU B 47 23.71 -5.81 -26.94
C GLU B 47 24.15 -4.45 -27.46
N GLY B 48 25.10 -4.48 -28.39
CA GLY B 48 25.49 -3.31 -29.13
C GLY B 48 26.40 -2.39 -28.34
N ALA B 49 27.10 -1.52 -29.09
CA ALA B 49 28.11 -0.66 -28.48
C ALA B 49 27.48 0.62 -27.93
N GLY B 50 26.85 1.41 -28.79
CA GLY B 50 26.22 2.65 -28.33
C GLY B 50 24.82 2.40 -27.80
N SER B 51 24.73 1.71 -26.68
CA SER B 51 23.46 1.24 -26.15
C SER B 51 23.17 1.89 -24.80
N ILE B 52 21.91 2.23 -24.59
CA ILE B 52 21.40 2.69 -23.30
C ILE B 52 20.30 1.72 -22.88
N ALA B 53 20.40 1.21 -21.66
CA ALA B 53 19.49 0.16 -21.19
C ALA B 53 18.33 0.71 -20.36
N ALA B 54 18.62 1.50 -19.33
CA ALA B 54 17.61 2.09 -18.47
C ALA B 54 17.86 3.59 -18.40
N ALA B 55 16.93 4.37 -18.93
CA ALA B 55 17.14 5.80 -19.16
C ALA B 55 15.99 6.62 -18.57
N THR B 56 15.67 6.37 -17.31
CA THR B 56 14.65 7.16 -16.63
C THR B 56 15.20 8.56 -16.35
N GLY B 57 14.62 9.57 -17.00
CA GLY B 57 15.11 10.92 -16.88
C GLY B 57 16.44 11.12 -17.59
N PHE B 58 16.42 11.07 -18.93
CA PHE B 58 17.64 11.11 -19.73
C PHE B 58 17.48 12.16 -20.82
N VAL B 59 18.49 13.02 -20.96
CA VAL B 59 18.60 13.92 -22.10
C VAL B 59 19.96 13.72 -22.74
N LYS B 60 19.98 13.60 -24.07
CA LYS B 60 21.20 13.33 -24.80
C LYS B 60 21.34 14.36 -25.91
N LYS B 61 22.07 15.43 -25.62
CA LYS B 61 22.30 16.50 -26.59
C LYS B 61 23.32 16.10 -27.66
N VAL C 1 -22.53 23.98 23.17
CA VAL C 1 -21.20 24.00 22.58
C VAL C 1 -21.31 24.66 21.21
N LEU C 2 -20.49 25.69 20.97
CA LEU C 2 -20.60 26.48 19.76
C LEU C 2 -19.25 26.64 19.09
N TYR C 3 -19.22 26.50 17.76
CA TYR C 3 -18.03 26.66 16.95
C TYR C 3 -18.21 27.83 15.99
N VAL C 4 -17.17 28.63 15.82
CA VAL C 4 -17.15 29.75 14.87
C VAL C 4 -15.88 29.63 14.06
N GLY C 5 -16.01 29.19 12.81
CA GLY C 5 -14.91 29.17 11.86
C GLY C 5 -13.69 28.37 12.26
N SER C 6 -13.89 27.15 12.76
CA SER C 6 -12.79 26.32 13.25
C SER C 6 -12.75 24.99 12.51
N LYS C 7 -11.55 24.55 12.16
CA LYS C 7 -11.31 23.24 11.55
C LYS C 7 -10.58 22.38 12.57
N THR C 8 -11.24 21.35 13.06
CA THR C 8 -10.71 20.53 14.14
C THR C 8 -11.09 19.08 13.94
N LYS C 9 -10.29 18.18 14.51
CA LYS C 9 -10.54 16.75 14.45
C LYS C 9 -10.82 16.24 15.86
N GLU C 10 -11.84 15.40 15.99
CA GLU C 10 -12.24 14.87 17.29
C GLU C 10 -12.49 13.38 17.16
N GLY C 11 -11.59 12.57 17.72
CA GLY C 11 -11.75 11.13 17.73
C GLY C 11 -11.57 10.48 16.37
N VAL C 12 -10.40 10.62 15.77
CA VAL C 12 -10.16 10.15 14.42
C VAL C 12 -8.96 9.22 14.41
N VAL C 13 -8.91 8.35 13.40
CA VAL C 13 -7.78 7.46 13.14
C VAL C 13 -7.51 7.48 11.66
N HIS C 14 -6.33 7.97 11.26
CA HIS C 14 -6.01 7.98 9.85
C HIS C 14 -4.54 7.68 9.64
N GLY C 15 -4.20 7.22 8.45
CA GLY C 15 -2.82 6.95 8.10
C GLY C 15 -2.16 5.82 8.84
N VAL C 16 -2.88 4.72 9.05
CA VAL C 16 -2.31 3.51 9.61
C VAL C 16 -2.03 2.53 8.47
N THR C 17 -0.79 2.06 8.39
CA THR C 17 -0.34 1.28 7.25
C THR C 17 0.63 0.19 7.69
N THR C 18 0.47 -0.98 7.09
CA THR C 18 1.43 -2.07 7.24
C THR C 18 1.79 -2.60 5.86
N VAL C 19 3.07 -2.89 5.66
CA VAL C 19 3.56 -3.45 4.41
C VAL C 19 4.41 -4.67 4.72
N ALA C 20 4.26 -5.71 3.91
CA ALA C 20 5.01 -6.94 4.07
C ALA C 20 5.03 -7.66 2.73
N GLU C 21 5.69 -8.81 2.69
CA GLU C 21 5.64 -9.64 1.49
C GLU C 21 5.23 -11.06 1.84
N LYS C 22 5.56 -11.52 3.04
CA LYS C 22 5.21 -12.88 3.46
C LYS C 22 4.65 -12.83 4.88
N THR C 23 3.45 -13.36 5.05
CA THR C 23 2.80 -13.44 6.36
C THR C 23 2.16 -14.81 6.50
N LYS C 24 2.49 -15.51 7.57
CA LYS C 24 1.97 -16.85 7.83
C LYS C 24 1.55 -16.91 9.28
N GLU C 25 0.31 -17.31 9.55
CA GLU C 25 -0.24 -17.31 10.89
C GLU C 25 -0.98 -18.62 11.15
N GLN C 26 -0.68 -19.24 12.28
CA GLN C 26 -1.20 -20.56 12.65
C GLN C 26 -1.76 -20.54 14.06
N VAL C 27 -2.61 -19.55 14.36
CA VAL C 27 -3.24 -19.49 15.67
C VAL C 27 -4.21 -20.66 15.84
N THR C 28 -4.20 -21.24 17.04
CA THR C 28 -4.96 -22.45 17.36
C THR C 28 -5.71 -22.27 18.67
N ASN C 29 -6.50 -21.19 18.77
CA ASN C 29 -7.17 -20.84 20.02
C ASN C 29 -8.14 -21.93 20.45
N VAL C 30 -8.22 -22.16 21.76
CA VAL C 30 -8.84 -23.35 22.32
C VAL C 30 -10.00 -22.88 23.20
N GLY C 31 -10.31 -21.59 23.14
CA GLY C 31 -11.44 -21.09 23.89
C GLY C 31 -11.27 -19.73 24.54
N GLY C 32 -10.13 -19.07 24.29
CA GLY C 32 -9.95 -17.72 24.77
C GLY C 32 -10.41 -16.68 23.77
N ALA C 33 -9.54 -15.73 23.45
CA ALA C 33 -9.88 -14.69 22.49
C ALA C 33 -8.58 -14.15 21.91
N VAL C 34 -8.35 -14.37 20.62
CA VAL C 34 -7.13 -13.96 19.96
C VAL C 34 -7.51 -13.00 18.83
N VAL C 35 -6.82 -11.86 18.77
CA VAL C 35 -6.96 -10.92 17.67
C VAL C 35 -5.59 -10.71 17.06
N THR C 36 -5.51 -10.82 15.75
CA THR C 36 -4.27 -10.63 15.00
C THR C 36 -4.56 -9.69 13.84
N GLY C 37 -3.58 -8.85 13.50
CA GLY C 37 -3.73 -8.00 12.33
C GLY C 37 -3.88 -6.53 12.67
N VAL C 38 -4.76 -5.84 11.94
CA VAL C 38 -4.93 -4.41 12.08
C VAL C 38 -6.40 -4.09 12.31
N THR C 39 -6.67 -3.22 13.28
CA THR C 39 -8.01 -2.74 13.56
C THR C 39 -7.93 -1.26 13.92
N ALA C 40 -8.98 -0.52 13.55
CA ALA C 40 -9.00 0.93 13.73
C ALA C 40 -10.32 1.31 14.38
N VAL C 41 -10.25 1.75 15.64
CA VAL C 41 -11.43 2.07 16.43
C VAL C 41 -11.35 3.53 16.83
N ALA C 42 -12.42 4.28 16.58
CA ALA C 42 -12.43 5.72 16.86
C ALA C 42 -13.87 6.17 17.14
N GLN C 43 -14.10 6.69 18.34
CA GLN C 43 -15.37 7.32 18.69
C GLN C 43 -15.13 8.75 19.11
N LYS C 44 -16.24 9.47 19.31
CA LYS C 44 -16.23 10.81 19.89
C LYS C 44 -16.69 10.81 21.34
N THR C 45 -17.86 10.26 21.63
CA THR C 45 -18.36 10.18 22.99
C THR C 45 -18.85 8.77 23.27
N VAL C 46 -18.54 8.27 24.47
CA VAL C 46 -19.05 6.99 24.97
C VAL C 46 -19.65 7.27 26.34
N GLU C 47 -20.96 7.06 26.47
CA GLU C 47 -21.67 7.24 27.73
C GLU C 47 -22.09 5.87 28.25
N GLY C 48 -21.72 5.57 29.50
CA GLY C 48 -22.06 4.30 30.08
C GLY C 48 -21.94 4.34 31.59
N ALA C 49 -22.21 3.18 32.20
CA ALA C 49 -22.04 3.00 33.63
C ALA C 49 -20.94 1.99 33.93
N GLY C 50 -21.04 0.79 33.39
CA GLY C 50 -19.95 -0.18 33.44
C GLY C 50 -19.59 -0.61 32.04
N SER C 51 -19.71 0.32 31.10
CA SER C 51 -19.60 0.01 29.68
C SER C 51 -18.15 -0.27 29.29
N ILE C 52 -18.00 -0.81 28.09
CA ILE C 52 -16.70 -1.02 27.46
C ILE C 52 -16.74 -0.31 26.10
N ALA C 53 -15.73 0.50 25.83
CA ALA C 53 -15.74 1.33 24.63
C ALA C 53 -15.00 0.67 23.46
N ALA C 54 -13.75 0.25 23.67
CA ALA C 54 -12.92 -0.31 22.61
C ALA C 54 -12.23 -1.56 23.13
N ALA C 55 -12.86 -2.70 22.92
CA ALA C 55 -12.31 -3.98 23.35
C ALA C 55 -11.78 -4.74 22.13
N THR C 56 -10.52 -5.14 22.20
CA THR C 56 -9.87 -5.88 21.12
C THR C 56 -9.06 -7.00 21.76
N GLY C 57 -9.51 -8.24 21.58
CA GLY C 57 -8.92 -9.35 22.29
C GLY C 57 -9.36 -9.34 23.75
N PHE C 58 -10.65 -9.50 23.98
CA PHE C 58 -11.26 -9.33 25.29
C PHE C 58 -12.01 -10.59 25.68
N VAL C 59 -11.69 -11.12 26.85
CA VAL C 59 -12.43 -12.22 27.45
C VAL C 59 -13.02 -11.75 28.77
N LYS C 60 -14.27 -12.13 29.01
CA LYS C 60 -15.05 -11.64 30.14
C LYS C 60 -15.70 -12.80 30.87
N LYS C 61 -15.73 -12.72 32.21
CA LYS C 61 -16.29 -13.78 33.03
C LYS C 61 -17.21 -13.23 34.10
N VAL D 1 27.42 -22.73 -17.98
CA VAL D 1 26.88 -22.41 -16.66
C VAL D 1 25.90 -23.52 -16.27
N LEU D 2 26.01 -24.01 -15.03
CA LEU D 2 25.21 -25.14 -14.55
C LEU D 2 24.56 -24.80 -13.22
N TYR D 3 23.37 -25.38 -12.98
CA TYR D 3 22.72 -25.34 -11.68
C TYR D 3 22.03 -26.68 -11.45
N VAL D 4 22.47 -27.41 -10.42
CA VAL D 4 21.96 -28.77 -10.21
C VAL D 4 21.03 -28.79 -8.99
N GLY D 5 20.37 -27.68 -8.70
CA GLY D 5 19.50 -27.64 -7.55
C GLY D 5 19.77 -26.52 -6.58
N SER D 6 20.34 -25.42 -7.07
CA SER D 6 20.70 -24.27 -6.26
C SER D 6 19.73 -23.13 -6.51
N LYS D 7 19.11 -22.64 -5.44
CA LYS D 7 18.18 -21.51 -5.50
C LYS D 7 18.98 -20.21 -5.37
N THR D 8 18.97 -19.38 -6.41
CA THR D 8 19.83 -18.21 -6.45
C THR D 8 19.07 -17.00 -6.97
N LYS D 9 19.59 -15.83 -6.62
CA LYS D 9 19.06 -14.54 -7.06
C LYS D 9 20.12 -13.84 -7.89
N GLU D 10 19.77 -13.44 -9.12
CA GLU D 10 20.71 -12.82 -10.03
C GLU D 10 20.22 -11.44 -10.42
N GLY D 11 20.64 -10.43 -9.66
CA GLY D 11 20.39 -9.04 -10.02
C GLY D 11 18.95 -8.60 -9.94
N VAL D 12 18.37 -8.59 -8.73
CA VAL D 12 16.97 -8.27 -8.53
C VAL D 12 16.87 -7.17 -7.49
N VAL D 13 15.67 -6.61 -7.35
CA VAL D 13 15.36 -5.68 -6.26
C VAL D 13 13.95 -5.95 -5.76
N HIS D 14 13.78 -5.87 -4.45
CA HIS D 14 12.47 -6.01 -3.83
C HIS D 14 12.52 -5.33 -2.46
N GLY D 15 11.34 -5.13 -1.88
CA GLY D 15 11.27 -4.51 -0.57
C GLY D 15 11.77 -3.07 -0.57
N VAL D 16 11.35 -2.29 -1.54
CA VAL D 16 11.84 -0.93 -1.76
C VAL D 16 10.66 0.01 -1.49
N THR D 17 9.88 -0.35 -0.48
CA THR D 17 8.73 0.44 -0.07
C THR D 17 9.12 1.85 0.35
N THR D 18 8.19 2.78 0.16
CA THR D 18 8.30 4.14 0.65
C THR D 18 6.93 4.58 1.13
N VAL D 19 6.91 5.45 2.14
CA VAL D 19 5.66 5.86 2.76
C VAL D 19 5.77 7.31 3.24
N ALA D 20 4.72 8.08 2.99
CA ALA D 20 4.58 9.44 3.48
C ALA D 20 3.10 9.72 3.64
N GLU D 21 2.78 10.95 4.02
CA GLU D 21 1.38 11.36 4.06
C GLU D 21 1.14 12.76 3.53
N LYS D 22 2.19 13.52 3.18
CA LYS D 22 2.03 14.83 2.57
C LYS D 22 3.28 15.12 1.76
N THR D 23 3.15 15.08 0.44
CA THR D 23 4.25 15.43 -0.47
C THR D 23 3.82 16.55 -1.39
N LYS D 24 4.78 17.39 -1.75
CA LYS D 24 4.53 18.51 -2.66
C LYS D 24 5.83 18.85 -3.35
N GLU D 25 5.86 18.71 -4.68
CA GLU D 25 7.07 18.88 -5.47
C GLU D 25 6.84 19.94 -6.52
N GLN D 26 7.69 20.95 -6.55
CA GLN D 26 7.55 22.10 -7.45
C GLN D 26 8.82 22.34 -8.24
N VAL D 27 9.34 21.29 -8.87
CA VAL D 27 10.54 21.43 -9.69
C VAL D 27 10.23 22.27 -10.92
N THR D 28 11.14 23.18 -11.26
CA THR D 28 11.12 23.96 -12.49
C THR D 28 12.43 23.72 -13.22
N ASN D 29 12.34 23.27 -14.47
CA ASN D 29 13.49 22.80 -15.21
C ASN D 29 13.50 23.42 -16.60
N VAL D 30 14.71 23.69 -17.12
CA VAL D 30 14.86 24.26 -18.44
C VAL D 30 15.77 23.44 -19.34
N GLY D 31 16.90 22.97 -18.84
CA GLY D 31 17.87 22.38 -19.75
C GLY D 31 18.44 21.02 -19.39
N GLY D 32 18.12 20.51 -18.20
CA GLY D 32 18.74 19.28 -17.75
C GLY D 32 17.78 18.15 -17.53
N ALA D 33 18.18 17.21 -16.67
CA ALA D 33 17.33 16.08 -16.31
C ALA D 33 17.11 16.10 -14.80
N VAL D 34 15.86 15.95 -14.39
CA VAL D 34 15.48 15.91 -12.98
C VAL D 34 14.66 14.65 -12.75
N VAL D 35 15.00 13.90 -11.70
CA VAL D 35 14.23 12.74 -11.28
C VAL D 35 13.95 12.90 -9.79
N THR D 36 12.68 12.89 -9.42
CA THR D 36 12.24 13.15 -8.05
C THR D 36 11.24 12.09 -7.58
N GLY D 37 11.47 10.82 -7.93
CA GLY D 37 10.55 9.79 -7.52
C GLY D 37 11.22 8.53 -7.03
N VAL D 38 10.58 7.38 -7.23
CA VAL D 38 11.14 6.09 -6.87
C VAL D 38 11.29 5.27 -8.15
N THR D 39 12.49 4.74 -8.37
CA THR D 39 12.78 3.95 -9.55
C THR D 39 13.59 2.72 -9.15
N ALA D 40 13.36 1.62 -9.84
CA ALA D 40 13.98 0.34 -9.51
C ALA D 40 14.43 -0.33 -10.80
N VAL D 41 15.74 -0.31 -11.05
CA VAL D 41 16.34 -0.99 -12.18
C VAL D 41 17.05 -2.23 -11.67
N ALA D 42 16.77 -3.37 -12.29
CA ALA D 42 17.41 -4.63 -11.92
C ALA D 42 17.75 -5.38 -13.19
N GLN D 43 19.03 -5.46 -13.51
CA GLN D 43 19.51 -6.06 -14.74
C GLN D 43 20.40 -7.25 -14.45
N LYS D 44 20.66 -8.04 -15.49
CA LYS D 44 21.46 -9.25 -15.40
C LYS D 44 22.81 -9.11 -16.09
N THR D 45 22.82 -8.77 -17.38
CA THR D 45 24.04 -8.53 -18.13
C THR D 45 23.84 -7.35 -19.05
N VAL D 46 24.81 -6.43 -19.06
CA VAL D 46 24.89 -5.37 -20.06
C VAL D 46 26.33 -5.30 -20.55
N GLU D 47 26.50 -5.10 -21.85
CA GLU D 47 27.85 -4.98 -22.40
C GLU D 47 27.79 -4.25 -23.74
N GLY D 48 28.88 -3.57 -24.03
CA GLY D 48 29.02 -2.73 -25.21
C GLY D 48 30.09 -1.70 -24.92
N ALA D 49 30.73 -1.22 -25.99
CA ALA D 49 31.87 -0.31 -25.84
C ALA D 49 31.46 0.99 -25.17
N GLY D 50 30.35 1.58 -25.61
CA GLY D 50 29.87 2.80 -25.02
C GLY D 50 28.54 2.63 -24.31
N SER D 51 28.38 1.51 -23.63
CA SER D 51 27.11 1.18 -23.00
C SER D 51 26.90 2.00 -21.73
N ILE D 52 25.65 2.39 -21.50
CA ILE D 52 25.22 3.00 -20.25
C ILE D 52 24.09 2.14 -19.71
N ALA D 53 24.28 1.57 -18.52
CA ALA D 53 23.35 0.56 -18.02
C ALA D 53 22.14 1.19 -17.34
N ALA D 54 22.35 1.92 -16.24
CA ALA D 54 21.27 2.45 -15.42
C ALA D 54 21.53 3.93 -15.17
N ALA D 55 21.00 4.78 -16.05
CA ALA D 55 21.14 6.22 -15.93
C ALA D 55 19.82 6.80 -15.43
N THR D 56 19.87 7.48 -14.29
CA THR D 56 18.70 8.10 -13.69
C THR D 56 19.05 9.55 -13.40
N GLY D 57 18.50 10.47 -14.19
CA GLY D 57 18.90 11.86 -14.11
C GLY D 57 20.21 12.08 -14.82
N PHE D 58 20.22 11.87 -16.14
CA PHE D 58 21.46 11.86 -16.91
C PHE D 58 21.41 12.93 -18.00
N VAL D 59 22.51 13.66 -18.15
CA VAL D 59 22.71 14.61 -19.23
C VAL D 59 24.02 14.25 -19.93
N LYS D 60 23.99 14.14 -21.25
CA LYS D 60 25.18 13.80 -22.00
C LYS D 60 25.38 14.77 -23.15
N LYS D 61 26.55 15.40 -23.21
CA LYS D 61 26.90 16.34 -24.25
C LYS D 61 28.31 16.04 -24.75
N VAL E 1 -29.57 20.80 17.39
CA VAL E 1 -28.37 20.87 16.57
C VAL E 1 -28.61 21.84 15.42
N LEU E 2 -27.70 22.79 15.25
CA LEU E 2 -27.79 23.80 14.20
C LEU E 2 -26.46 23.88 13.47
N TYR E 3 -26.49 23.75 12.15
CA TYR E 3 -25.32 24.02 11.32
C TYR E 3 -25.71 25.07 10.28
N VAL E 4 -24.85 26.08 10.12
CA VAL E 4 -24.95 26.98 8.98
C VAL E 4 -23.57 27.07 8.34
N GLY E 5 -23.53 26.88 7.02
CA GLY E 5 -22.30 27.01 6.26
C GLY E 5 -21.16 26.11 6.70
N SER E 6 -21.47 24.89 7.11
CA SER E 6 -20.46 23.97 7.62
C SER E 6 -20.37 22.73 6.74
N LYS E 7 -19.20 22.11 6.73
CA LYS E 7 -18.97 20.83 6.07
C LYS E 7 -18.29 19.92 7.09
N THR E 8 -19.07 19.06 7.73
CA THR E 8 -18.56 18.21 8.79
C THR E 8 -18.86 16.74 8.51
N LYS E 9 -17.96 15.87 8.97
CA LYS E 9 -18.11 14.44 8.82
C LYS E 9 -18.46 13.84 10.18
N GLU E 10 -19.56 13.11 10.23
CA GLU E 10 -19.95 12.33 11.38
C GLU E 10 -19.23 10.98 11.30
N GLY E 11 -19.77 9.95 11.95
CA GLY E 11 -19.12 8.65 12.04
C GLY E 11 -19.03 7.87 10.75
N VAL E 12 -18.13 8.31 9.87
CA VAL E 12 -17.95 7.79 8.52
C VAL E 12 -16.61 7.07 8.45
N VAL E 13 -16.55 6.02 7.64
CA VAL E 13 -15.31 5.30 7.35
C VAL E 13 -15.16 5.21 5.83
N HIS E 14 -13.96 5.50 5.34
CA HIS E 14 -13.74 5.48 3.89
C HIS E 14 -12.26 5.21 3.60
N GLY E 15 -11.99 4.78 2.38
CA GLY E 15 -10.63 4.51 1.96
C GLY E 15 -9.94 3.35 2.63
N VAL E 16 -10.66 2.24 2.82
CA VAL E 16 -10.09 1.02 3.38
C VAL E 16 -9.65 0.14 2.21
N THR E 17 -8.34 0.02 2.02
CA THR E 17 -7.80 -0.73 0.90
C THR E 17 -6.79 -1.75 1.38
N THR E 18 -6.75 -2.90 0.70
CA THR E 18 -5.78 -3.94 0.96
C THR E 18 -5.35 -4.56 -0.36
N VAL E 19 -4.06 -4.88 -0.46
CA VAL E 19 -3.46 -5.37 -1.69
C VAL E 19 -2.74 -6.68 -1.40
N ALA E 20 -3.01 -7.70 -2.23
CA ALA E 20 -2.27 -8.94 -2.21
C ALA E 20 -2.50 -9.62 -3.56
N GLU E 21 -1.78 -10.71 -3.78
CA GLU E 21 -2.14 -11.55 -4.92
C GLU E 21 -2.18 -13.04 -4.61
N LYS E 22 -1.67 -13.49 -3.47
CA LYS E 22 -1.84 -14.86 -3.03
C LYS E 22 -2.35 -14.85 -1.59
N THR E 23 -3.43 -15.58 -1.34
CA THR E 23 -4.08 -15.56 -0.03
C THR E 23 -4.82 -16.88 0.16
N LYS E 24 -4.60 -17.54 1.30
CA LYS E 24 -5.27 -18.79 1.62
C LYS E 24 -5.78 -18.74 3.05
N GLU E 25 -7.02 -19.18 3.27
CA GLU E 25 -7.63 -19.25 4.59
C GLU E 25 -8.18 -20.66 4.82
N GLN E 26 -7.88 -21.22 5.98
CA GLN E 26 -8.20 -22.61 6.33
C GLN E 26 -8.94 -22.66 7.65
N VAL E 27 -10.02 -21.89 7.76
CA VAL E 27 -10.78 -21.79 9.01
C VAL E 27 -11.46 -23.11 9.31
N THR E 28 -11.34 -23.57 10.56
CA THR E 28 -11.93 -24.82 11.03
C THR E 28 -12.64 -24.60 12.38
N ASN E 29 -13.51 -23.60 12.42
CA ASN E 29 -14.28 -23.31 13.62
C ASN E 29 -15.23 -24.46 13.97
N VAL E 30 -15.54 -24.61 15.25
CA VAL E 30 -16.56 -25.59 15.61
C VAL E 30 -17.72 -24.93 16.34
N GLY E 31 -17.44 -24.02 17.28
CA GLY E 31 -18.51 -23.51 18.12
C GLY E 31 -18.41 -22.05 18.54
N GLY E 32 -17.48 -21.31 17.96
CA GLY E 32 -17.29 -19.93 18.37
C GLY E 32 -17.55 -18.93 17.26
N ALA E 33 -16.54 -18.11 16.97
CA ALA E 33 -16.64 -17.13 15.89
C ALA E 33 -15.26 -16.86 15.34
N VAL E 34 -15.13 -16.88 14.02
CA VAL E 34 -13.89 -16.52 13.35
C VAL E 34 -14.23 -15.55 12.23
N VAL E 35 -13.64 -14.36 12.28
CA VAL E 35 -13.86 -13.34 11.27
C VAL E 35 -12.53 -13.05 10.59
N THR E 36 -12.51 -13.12 9.27
CA THR E 36 -11.30 -12.90 8.49
C THR E 36 -11.63 -11.98 7.32
N GLY E 37 -10.72 -11.07 7.01
CA GLY E 37 -10.85 -10.24 5.84
C GLY E 37 -11.12 -8.79 6.19
N VAL E 38 -11.86 -8.14 5.31
CA VAL E 38 -12.13 -6.71 5.42
C VAL E 38 -13.59 -6.47 5.74
N THR E 39 -13.85 -5.62 6.72
CA THR E 39 -15.20 -5.20 7.04
C THR E 39 -15.15 -3.76 7.53
N ALA E 40 -16.26 -3.04 7.31
CA ALA E 40 -16.37 -1.64 7.68
C ALA E 40 -17.66 -1.42 8.43
N VAL E 41 -17.55 -0.91 9.65
CA VAL E 41 -18.70 -0.59 10.49
C VAL E 41 -18.60 0.88 10.87
N ALA E 42 -19.67 1.63 10.64
CA ALA E 42 -19.63 3.07 10.89
C ALA E 42 -21.03 3.56 11.22
N GLN E 43 -21.28 3.76 12.52
CA GLN E 43 -22.52 4.38 12.99
C GLN E 43 -22.26 5.81 13.44
N LYS E 44 -23.35 6.51 13.69
CA LYS E 44 -23.28 7.84 14.27
C LYS E 44 -23.91 7.91 15.66
N THR E 45 -25.05 7.26 15.87
CA THR E 45 -25.72 7.37 17.16
C THR E 45 -26.46 6.07 17.43
N VAL E 46 -26.24 5.48 18.61
CA VAL E 46 -26.95 4.30 19.06
C VAL E 46 -27.34 4.48 20.53
N GLU E 47 -28.59 4.17 20.85
CA GLU E 47 -29.09 4.22 22.22
C GLU E 47 -29.39 2.80 22.69
N GLY E 48 -29.09 2.53 23.94
CA GLY E 48 -29.38 1.21 24.48
C GLY E 48 -29.17 1.16 25.98
N ALA E 49 -29.37 -0.02 26.53
CA ALA E 49 -29.10 -0.29 27.93
C ALA E 49 -27.99 -1.31 28.13
N GLY E 50 -27.98 -2.37 27.33
CA GLY E 50 -26.91 -3.34 27.38
C GLY E 50 -26.53 -3.80 25.99
N SER E 51 -26.94 -3.04 24.98
CA SER E 51 -26.75 -3.42 23.60
C SER E 51 -25.29 -3.33 23.20
N ILE E 52 -24.95 -4.04 22.13
CA ILE E 52 -23.62 -4.01 21.53
C ILE E 52 -23.73 -3.34 20.18
N ALA E 53 -22.91 -2.31 19.96
CA ALA E 53 -23.00 -1.53 18.73
C ALA E 53 -22.32 -2.24 17.56
N ALA E 54 -21.01 -2.48 17.68
CA ALA E 54 -20.19 -2.98 16.58
C ALA E 54 -19.47 -4.24 17.03
N ALA E 55 -20.11 -5.38 16.85
CA ALA E 55 -19.54 -6.67 17.24
C ALA E 55 -18.94 -7.35 16.02
N THR E 56 -17.66 -7.70 16.11
CA THR E 56 -16.97 -8.45 15.07
C THR E 56 -16.22 -9.58 15.77
N GLY E 57 -16.67 -10.82 15.57
CA GLY E 57 -16.13 -11.93 16.31
C GLY E 57 -16.59 -11.92 17.75
N PHE E 58 -17.89 -12.10 17.97
CA PHE E 58 -18.52 -12.00 19.27
C PHE E 58 -19.28 -13.27 19.59
N VAL E 59 -19.05 -13.82 20.78
CA VAL E 59 -19.89 -14.87 21.35
C VAL E 59 -20.20 -14.48 22.79
N LYS E 60 -21.46 -14.67 23.18
CA LYS E 60 -21.88 -14.38 24.54
C LYS E 60 -22.73 -15.53 25.04
N LYS E 61 -22.46 -15.98 26.26
CA LYS E 61 -22.97 -17.25 26.77
C LYS E 61 -23.99 -17.08 27.89
N VAL F 1 20.68 -23.58 -24.93
CA VAL F 1 19.98 -23.30 -23.68
C VAL F 1 19.12 -24.52 -23.35
N LEU F 2 19.18 -24.98 -22.10
CA LEU F 2 18.51 -26.21 -21.69
C LEU F 2 17.93 -26.08 -20.30
N TYR F 3 16.67 -26.51 -20.14
CA TYR F 3 16.00 -26.58 -18.85
C TYR F 3 15.31 -27.94 -18.71
N VAL F 4 15.42 -28.55 -17.53
CA VAL F 4 14.76 -29.84 -17.31
C VAL F 4 13.89 -29.81 -16.06
N GLY F 5 13.50 -28.63 -15.61
CA GLY F 5 12.76 -28.54 -14.37
C GLY F 5 13.10 -27.32 -13.53
N SER F 6 13.91 -26.43 -14.07
CA SER F 6 14.14 -25.15 -13.43
C SER F 6 12.89 -24.29 -13.52
N LYS F 7 12.48 -23.72 -12.38
CA LYS F 7 11.38 -22.76 -12.34
C LYS F 7 12.03 -21.38 -12.25
N THR F 8 12.05 -20.66 -13.37
CA THR F 8 12.87 -19.45 -13.50
C THR F 8 12.01 -18.27 -13.92
N LYS F 9 12.29 -17.12 -13.30
CA LYS F 9 11.79 -15.84 -13.79
C LYS F 9 12.94 -15.12 -14.46
N GLU F 10 12.69 -14.57 -15.65
CA GLU F 10 13.73 -13.90 -16.44
C GLU F 10 13.14 -12.61 -16.97
N GLY F 11 13.30 -11.54 -16.20
CA GLY F 11 12.83 -10.23 -16.62
C GLY F 11 11.33 -10.04 -16.44
N VAL F 12 10.84 -10.09 -15.21
CA VAL F 12 9.44 -9.84 -14.92
C VAL F 12 9.33 -8.76 -13.86
N VAL F 13 8.18 -8.12 -13.81
CA VAL F 13 7.90 -7.03 -12.88
C VAL F 13 6.48 -7.23 -12.36
N HIS F 14 6.34 -7.57 -11.09
CA HIS F 14 5.03 -7.81 -10.52
C HIS F 14 4.90 -7.14 -9.16
N GLY F 15 3.74 -6.55 -8.89
CA GLY F 15 3.49 -5.90 -7.62
C GLY F 15 4.10 -4.53 -7.48
N VAL F 16 3.69 -3.60 -8.33
CA VAL F 16 4.20 -2.23 -8.29
C VAL F 16 3.13 -1.30 -7.73
N THR F 17 2.26 -1.85 -6.89
CA THR F 17 1.07 -1.15 -6.44
C THR F 17 1.40 0.11 -5.65
N THR F 18 0.75 1.21 -6.01
CA THR F 18 0.85 2.46 -5.27
C THR F 18 -0.55 2.89 -4.86
N VAL F 19 -0.64 3.61 -3.74
CA VAL F 19 -1.93 3.95 -3.15
C VAL F 19 -1.92 5.41 -2.72
N ALA F 20 -3.02 6.11 -3.00
CA ALA F 20 -3.25 7.47 -2.56
C ALA F 20 -4.74 7.73 -2.61
N GLU F 21 -5.15 8.91 -2.15
CA GLU F 21 -6.55 9.29 -2.34
C GLU F 21 -6.65 10.65 -3.02
N LYS F 22 -5.72 11.56 -2.69
CA LYS F 22 -5.70 12.91 -3.24
C LYS F 22 -4.41 13.06 -4.05
N THR F 23 -4.56 13.37 -5.34
CA THR F 23 -3.42 13.48 -6.24
C THR F 23 -3.74 14.52 -7.30
N LYS F 24 -2.77 15.38 -7.60
CA LYS F 24 -2.98 16.47 -8.54
C LYS F 24 -1.66 16.83 -9.21
N GLU F 25 -1.63 16.77 -10.53
CA GLU F 25 -0.45 17.10 -11.32
C GLU F 25 -0.71 18.33 -12.18
N GLN F 26 0.29 19.19 -12.30
CA GLN F 26 0.16 20.50 -12.91
C GLN F 26 1.22 20.69 -14.00
N VAL F 27 1.37 19.70 -14.88
CA VAL F 27 2.46 19.71 -15.85
C VAL F 27 2.18 20.73 -16.95
N THR F 28 3.18 21.55 -17.25
CA THR F 28 3.14 22.59 -18.29
C THR F 28 4.36 22.49 -19.19
N ASN F 29 4.66 21.29 -19.65
CA ASN F 29 5.88 21.04 -20.41
C ASN F 29 5.81 21.66 -21.80
N VAL F 30 6.97 22.09 -22.30
CA VAL F 30 7.14 22.49 -23.68
C VAL F 30 8.41 21.84 -24.22
N GLY F 31 8.31 21.28 -25.43
CA GLY F 31 9.47 20.84 -26.20
C GLY F 31 10.37 19.81 -25.56
N GLY F 32 9.86 19.03 -24.61
CA GLY F 32 10.69 18.08 -23.88
C GLY F 32 9.92 16.82 -23.55
N ALA F 33 10.27 16.20 -22.42
CA ALA F 33 9.62 14.98 -21.95
C ALA F 33 9.36 15.09 -20.46
N VAL F 34 8.15 14.74 -20.04
CA VAL F 34 7.77 14.72 -18.63
C VAL F 34 6.91 13.49 -18.38
N VAL F 35 7.30 12.66 -17.43
CA VAL F 35 6.54 11.47 -17.04
C VAL F 35 6.29 11.56 -15.54
N THR F 36 5.02 11.46 -15.14
CA THR F 36 4.62 11.71 -13.76
C THR F 36 3.87 10.56 -13.12
N GLY F 37 3.80 9.39 -13.76
CA GLY F 37 2.94 8.33 -13.27
C GLY F 37 3.70 7.03 -13.06
N VAL F 38 2.99 5.93 -13.27
CA VAL F 38 3.51 4.58 -13.09
C VAL F 38 3.70 3.92 -14.44
N THR F 39 4.89 3.35 -14.65
CA THR F 39 5.23 2.61 -15.85
C THR F 39 5.94 1.33 -15.44
N ALA F 40 5.66 0.25 -16.17
CA ALA F 40 6.31 -1.03 -15.96
C ALA F 40 6.97 -1.47 -17.25
N VAL F 41 8.27 -1.72 -17.20
CA VAL F 41 9.05 -2.11 -18.36
C VAL F 41 9.80 -3.39 -18.01
N ALA F 42 9.68 -4.41 -18.88
CA ALA F 42 10.35 -5.68 -18.65
C ALA F 42 10.68 -6.33 -19.99
N GLN F 43 11.97 -6.49 -20.27
CA GLN F 43 12.43 -7.22 -21.44
C GLN F 43 13.34 -8.36 -21.02
N LYS F 44 13.67 -9.21 -21.99
CA LYS F 44 14.67 -10.25 -21.84
C LYS F 44 15.91 -10.00 -22.68
N THR F 45 15.75 -9.72 -23.97
CA THR F 45 16.87 -9.45 -24.85
C THR F 45 16.56 -8.25 -25.72
N VAL F 46 17.52 -7.35 -25.85
CA VAL F 46 17.50 -6.32 -26.90
C VAL F 46 18.81 -6.40 -27.67
N GLU F 47 18.71 -6.37 -28.99
CA GLU F 47 19.86 -6.50 -29.88
C GLU F 47 19.95 -5.30 -30.80
N GLY F 48 21.08 -4.63 -30.79
CA GLY F 48 21.33 -3.51 -31.69
C GLY F 48 22.44 -2.60 -31.21
N ALA F 49 23.18 -2.04 -32.17
CA ALA F 49 24.30 -1.16 -31.84
C ALA F 49 23.80 0.16 -31.24
N GLY F 50 23.04 0.92 -32.01
CA GLY F 50 22.49 2.17 -31.53
C GLY F 50 21.11 1.99 -30.95
N SER F 51 21.01 1.23 -29.86
CA SER F 51 19.73 0.80 -29.32
C SER F 51 19.47 1.46 -27.97
N ILE F 52 18.20 1.81 -27.75
CA ILE F 52 17.72 2.27 -26.45
C ILE F 52 16.64 1.30 -26.00
N ALA F 53 16.83 0.70 -24.83
CA ALA F 53 15.95 -0.37 -24.38
C ALA F 53 14.74 0.16 -23.64
N ALA F 54 14.95 0.89 -22.54
CA ALA F 54 13.88 1.34 -21.66
C ALA F 54 14.03 2.84 -21.45
N ALA F 55 13.37 3.62 -22.28
CA ALA F 55 13.42 5.07 -22.20
C ALA F 55 12.13 5.58 -21.57
N THR F 56 12.25 6.32 -20.47
CA THR F 56 11.11 6.94 -19.80
C THR F 56 11.53 8.36 -19.47
N GLY F 57 11.01 9.32 -20.23
CA GLY F 57 11.45 10.69 -20.11
C GLY F 57 12.77 10.90 -20.84
N PHE F 58 12.77 10.64 -22.14
CA PHE F 58 13.98 10.69 -22.95
C PHE F 58 13.80 11.70 -24.07
N VAL F 59 14.80 12.55 -24.27
CA VAL F 59 14.86 13.42 -25.44
C VAL F 59 16.29 13.40 -25.97
N LYS F 60 16.44 13.10 -27.25
CA LYS F 60 17.74 13.10 -27.90
C LYS F 60 17.74 14.11 -29.02
N LYS F 61 18.73 15.01 -29.00
CA LYS F 61 18.74 16.17 -29.87
C LYS F 61 19.70 16.00 -31.05
#